data_7QFO
#
_entry.id   7QFO
#
_cell.length_a   84.021
_cell.length_b   84.021
_cell.length_c   127.091
_cell.angle_alpha   90.000
_cell.angle_beta   90.000
_cell.angle_gamma   90.000
#
_symmetry.space_group_name_H-M   'P 41 21 2'
#
loop_
_entity.id
_entity.type
_entity.pdbx_description
1 polymer 'DNA topoisomerase 2-beta'
2 non-polymer ALANINE
3 non-polymer 'PHOSPHOAMINOPHOSPHONIC ACID-ADENYLATE ESTER'
4 non-polymer 'MAGNESIUM ION'
5 water water
#
_entity_poly.entity_id   1
_entity_poly.type   'polypeptide(L)'
_entity_poly.pdbx_seq_one_letter_code
;SVERVYQKKTQLEHILLRPDTYIGSVEPLTQFMWVYDEDVGMNCREVTFVPGLYKIFDEILVNAADNKQRDKNMTCIKVS
IDPESNIISIWNNGKGIPVVEHKVEKVYVPALIFGQLLTSSNYDDDEKKVTGGRNGYGAKLCNIFSTKFTVETACKEYKH
SFKQTWMNNMMKTSEAKIKHFDGEDYTCITFQPDLSKFKMEKLDKDIVALMTRRAYDLAGSCRGVKVMFNGKKLPVNGFR
SYVDLYVKDKLDETGVALKVIHELANERWDVCLTLSEKGFQQISFVNSIATTKGGRHVDYVVDQVVGKLIEVVKKKNKAG
VSVKPFQVKNHIWVFINCLIENPTFDSQTKENMTLQPKSFGSKCQLSEKFFKAASNCGIVESILNWVKFKAQTQLNKKCS
;
_entity_poly.pdbx_strand_id   A
#
# COMPACT_ATOMS: atom_id res chain seq x y z
N VAL A 2 5.11 34.59 27.30
CA VAL A 2 5.44 33.23 27.88
C VAL A 2 4.34 32.24 27.44
N GLU A 3 3.06 32.61 27.58
CA GLU A 3 1.89 31.70 27.39
C GLU A 3 1.58 31.55 25.90
N ARG A 4 1.91 32.55 25.08
CA ARG A 4 1.85 32.52 23.59
C ARG A 4 3.13 31.87 22.99
N VAL A 5 4.29 32.10 23.57
CA VAL A 5 5.58 31.55 23.04
C VAL A 5 5.55 30.03 23.27
N TYR A 6 5.42 29.59 24.52
CA TYR A 6 5.47 28.15 24.91
C TYR A 6 4.06 27.59 24.96
N GLN A 7 3.76 26.70 24.02
CA GLN A 7 2.42 26.13 23.87
C GLN A 7 2.45 24.62 23.96
N LYS A 8 1.37 24.05 24.49
CA LYS A 8 1.11 22.60 24.47
C LYS A 8 0.00 22.35 23.46
N LYS A 9 0.03 21.24 22.74
CA LYS A 9 -1.07 20.85 21.84
C LYS A 9 -1.63 19.50 22.25
N THR A 10 -2.91 19.27 21.99
CA THR A 10 -3.52 17.92 22.12
C THR A 10 -3.04 17.08 20.95
N GLN A 11 -3.23 15.75 20.97
CA GLN A 11 -2.79 14.88 19.86
C GLN A 11 -3.61 15.24 18.62
N LEU A 12 -4.90 15.48 18.83
CA LEU A 12 -5.82 15.82 17.71
C LEU A 12 -5.44 17.16 17.09
N GLU A 13 -5.10 18.17 17.90
CA GLU A 13 -4.62 19.48 17.37
C GLU A 13 -3.34 19.25 16.54
N HIS A 14 -2.42 18.46 17.07
CA HIS A 14 -1.05 18.28 16.53
C HIS A 14 -1.16 17.71 15.11
N ILE A 15 -2.08 16.79 14.89
CA ILE A 15 -2.28 16.08 13.59
C ILE A 15 -2.69 17.11 12.54
N LEU A 16 -3.54 18.07 12.91
CA LEU A 16 -3.98 19.09 11.95
C LEU A 16 -2.91 20.15 11.80
N LEU A 17 -2.19 20.48 12.84
CA LEU A 17 -1.10 21.49 12.75
C LEU A 17 0.10 20.92 11.99
N ARG A 18 0.45 19.65 12.20
CA ARG A 18 1.69 19.04 11.64
C ARG A 18 1.31 17.79 10.87
N PRO A 19 0.50 17.92 9.81
CA PRO A 19 -0.04 16.74 9.13
C PRO A 19 1.07 15.89 8.48
N ASP A 20 2.20 16.50 8.13
CA ASP A 20 3.27 15.85 7.31
C ASP A 20 3.79 14.54 7.94
N THR A 21 4.01 14.49 9.25
CA THR A 21 4.52 13.30 9.95
C THR A 21 3.45 12.21 10.02
N TYR A 22 2.19 12.53 9.76
CA TYR A 22 1.11 11.51 9.85
C TYR A 22 0.72 11.01 8.47
N ILE A 23 0.52 11.94 7.51
CA ILE A 23 -0.05 11.60 6.18
C ILE A 23 0.83 12.03 5.01
N GLY A 24 2.00 12.63 5.23
CA GLY A 24 2.83 13.20 4.15
C GLY A 24 2.38 14.64 3.82
N SER A 25 3.06 15.26 2.87
CA SER A 25 2.84 16.67 2.52
C SER A 25 1.38 16.94 2.18
N VAL A 26 0.81 18.05 2.65
CA VAL A 26 -0.55 18.51 2.29
C VAL A 26 -0.48 19.62 1.21
N GLU A 27 0.68 19.76 0.56
CA GLU A 27 0.95 20.70 -0.57
C GLU A 27 1.11 19.89 -1.84
N PRO A 28 0.87 20.50 -3.03
CA PRO A 28 1.09 19.81 -4.29
C PRO A 28 2.55 19.42 -4.51
N LEU A 29 2.72 18.29 -5.18
CA LEU A 29 3.97 17.68 -5.66
C LEU A 29 3.77 17.36 -7.15
N THR A 30 4.75 17.72 -7.99
CA THR A 30 4.81 17.33 -9.42
C THR A 30 6.03 16.44 -9.66
N GLN A 31 5.83 15.24 -10.19
CA GLN A 31 6.95 14.31 -10.45
C GLN A 31 6.45 13.28 -11.44
N PHE A 32 7.40 12.60 -12.06
CA PHE A 32 7.14 11.47 -12.97
C PHE A 32 6.74 10.28 -12.09
N MET A 33 5.59 9.67 -12.36
CA MET A 33 5.34 8.36 -11.68
C MET A 33 4.37 7.50 -12.45
N TRP A 34 4.27 6.25 -12.03
CA TRP A 34 3.33 5.30 -12.65
C TRP A 34 1.92 5.60 -12.17
N VAL A 35 0.97 5.64 -13.11
CA VAL A 35 -0.45 5.83 -12.80
C VAL A 35 -1.24 4.99 -13.80
N TYR A 36 -2.52 4.83 -13.50
CA TYR A 36 -3.46 4.05 -14.33
C TYR A 36 -4.51 5.05 -14.81
N ASP A 37 -4.41 5.41 -16.08
CA ASP A 37 -5.24 6.47 -16.75
C ASP A 37 -6.38 5.81 -17.52
N GLU A 38 -7.52 6.50 -17.64
CA GLU A 38 -8.69 6.03 -18.42
C GLU A 38 -8.32 5.84 -19.90
N ASP A 39 -7.34 6.58 -20.44
CA ASP A 39 -7.04 6.58 -21.89
C ASP A 39 -5.91 5.59 -22.23
N VAL A 40 -4.85 5.51 -21.41
CA VAL A 40 -3.67 4.69 -21.80
C VAL A 40 -3.46 3.56 -20.81
N GLY A 41 -4.30 3.46 -19.76
CA GLY A 41 -4.00 2.52 -18.67
C GLY A 41 -2.64 2.82 -18.04
N MET A 42 -1.87 1.76 -17.73
CA MET A 42 -0.60 1.85 -16.95
C MET A 42 0.43 2.66 -17.75
N ASN A 43 1.00 3.73 -17.18
CA ASN A 43 1.96 4.59 -17.90
C ASN A 43 2.69 5.45 -16.88
N CYS A 44 3.90 5.87 -17.26
CA CYS A 44 4.75 6.77 -16.46
C CYS A 44 4.62 8.15 -17.08
N ARG A 45 4.08 9.12 -16.36
CA ARG A 45 3.93 10.51 -16.86
C ARG A 45 4.10 11.45 -15.66
N GLU A 46 4.27 12.73 -15.93
CA GLU A 46 4.31 13.78 -14.91
C GLU A 46 2.91 13.93 -14.33
N VAL A 47 2.85 13.94 -13.01
CA VAL A 47 1.60 13.96 -12.23
C VAL A 47 1.70 15.08 -11.20
N THR A 48 0.63 15.81 -11.00
CA THR A 48 0.54 16.79 -9.91
C THR A 48 -0.50 16.29 -8.92
N PHE A 49 -0.14 16.11 -7.64
CA PHE A 49 -1.04 15.56 -6.60
C PHE A 49 -0.58 15.96 -5.19
N VAL A 50 -1.47 15.79 -4.21
CA VAL A 50 -1.21 16.00 -2.76
C VAL A 50 -0.98 14.64 -2.08
N PRO A 51 0.25 14.34 -1.62
CA PRO A 51 0.55 13.03 -0.99
C PRO A 51 -0.41 12.66 0.15
N GLY A 52 -0.83 13.64 0.95
CA GLY A 52 -1.71 13.44 2.12
C GLY A 52 -3.02 12.86 1.68
N LEU A 53 -3.54 13.29 0.52
CA LEU A 53 -4.85 12.81 0.04
C LEU A 53 -4.70 11.37 -0.51
N TYR A 54 -3.68 11.15 -1.31
CA TYR A 54 -3.30 9.77 -1.72
C TYR A 54 -3.20 8.86 -0.47
N LYS A 55 -2.50 9.32 0.59
CA LYS A 55 -2.21 8.49 1.80
C LYS A 55 -3.50 8.12 2.58
N ILE A 56 -4.44 9.03 2.80
CA ILE A 56 -5.64 8.68 3.61
C ILE A 56 -6.39 7.59 2.83
N PHE A 57 -6.40 7.63 1.49
CA PHE A 57 -6.98 6.55 0.65
C PHE A 57 -6.20 5.25 0.91
N ASP A 58 -4.88 5.34 0.81
CA ASP A 58 -4.00 4.17 0.97
C ASP A 58 -4.22 3.52 2.36
N GLU A 59 -4.42 4.30 3.41
CA GLU A 59 -4.59 3.72 4.79
C GLU A 59 -5.82 2.79 4.82
N ILE A 60 -6.89 3.18 4.14
CA ILE A 60 -8.13 2.36 4.12
C ILE A 60 -7.93 1.17 3.20
N LEU A 61 -7.21 1.32 2.08
CA LEU A 61 -6.96 0.20 1.15
C LEU A 61 -6.11 -0.88 1.86
N VAL A 62 -5.08 -0.48 2.58
CA VAL A 62 -4.17 -1.46 3.22
C VAL A 62 -4.94 -2.15 4.37
N ASN A 63 -5.81 -1.41 5.04
CA ASN A 63 -6.67 -2.00 6.09
C ASN A 63 -7.56 -3.15 5.54
N ALA A 64 -8.14 -3.00 4.35
CA ALA A 64 -8.88 -4.05 3.61
C ALA A 64 -7.96 -5.24 3.32
N ALA A 65 -6.75 -5.00 2.79
CA ALA A 65 -5.74 -6.04 2.50
C ALA A 65 -5.41 -6.78 3.79
N ASP A 66 -5.29 -6.04 4.90
CA ASP A 66 -4.94 -6.63 6.21
C ASP A 66 -6.04 -7.58 6.66
N ASN A 67 -7.28 -7.49 6.14
CA ASN A 67 -8.34 -8.38 6.65
C ASN A 67 -8.10 -9.81 6.14
N LYS A 68 -7.35 -9.96 5.05
CA LYS A 68 -7.02 -11.29 4.50
C LYS A 68 -6.16 -12.03 5.52
N GLN A 69 -5.51 -11.34 6.45
CA GLN A 69 -4.71 -11.98 7.52
C GLN A 69 -5.62 -12.38 8.69
N ARG A 70 -6.64 -11.59 9.02
CA ARG A 70 -7.60 -11.94 10.10
C ARG A 70 -8.52 -13.07 9.60
N ASP A 71 -8.72 -13.21 8.30
CA ASP A 71 -9.64 -14.24 7.73
C ASP A 71 -9.15 -14.59 6.33
N LYS A 72 -8.45 -15.72 6.22
CA LYS A 72 -7.86 -16.19 4.94
C LYS A 72 -8.95 -16.58 3.95
N ASN A 73 -10.22 -16.69 4.38
CA ASN A 73 -11.37 -16.97 3.51
C ASN A 73 -11.80 -15.72 2.71
N MET A 74 -11.29 -14.53 3.05
CA MET A 74 -11.57 -13.29 2.28
C MET A 74 -11.19 -13.49 0.81
N THR A 75 -12.08 -13.12 -0.11
CA THR A 75 -11.86 -13.27 -1.56
C THR A 75 -11.88 -11.94 -2.30
N CYS A 76 -12.44 -10.85 -1.74
CA CYS A 76 -12.85 -9.65 -2.55
C CYS A 76 -12.65 -8.31 -1.83
N ILE A 77 -12.04 -7.35 -2.53
CA ILE A 77 -12.04 -5.90 -2.20
C ILE A 77 -12.66 -5.13 -3.36
N LYS A 78 -13.56 -4.22 -3.02
CA LYS A 78 -14.29 -3.40 -4.03
C LYS A 78 -14.01 -1.94 -3.72
N VAL A 79 -13.39 -1.27 -4.67
CA VAL A 79 -13.02 0.17 -4.58
C VAL A 79 -13.93 0.94 -5.53
N SER A 80 -14.48 2.05 -5.05
CA SER A 80 -15.26 2.97 -5.92
C SER A 80 -14.89 4.41 -5.59
N ILE A 81 -14.74 5.21 -6.64
CA ILE A 81 -14.38 6.64 -6.54
C ILE A 81 -15.33 7.39 -7.49
N ASP A 82 -16.14 8.27 -6.92
CA ASP A 82 -17.04 9.20 -7.65
C ASP A 82 -16.52 10.63 -7.45
N PRO A 83 -15.75 11.20 -8.40
CA PRO A 83 -15.27 12.57 -8.25
C PRO A 83 -16.40 13.62 -8.14
N GLU A 84 -17.50 13.40 -8.85
CA GLU A 84 -18.68 14.32 -8.87
C GLU A 84 -19.28 14.41 -7.48
N SER A 85 -19.51 13.31 -6.79
CA SER A 85 -20.10 13.32 -5.43
C SER A 85 -19.00 13.47 -4.36
N ASN A 86 -17.74 13.29 -4.72
CA ASN A 86 -16.58 13.31 -3.77
C ASN A 86 -16.70 12.16 -2.76
N ILE A 87 -17.22 11.02 -3.19
CA ILE A 87 -17.39 9.82 -2.31
C ILE A 87 -16.43 8.71 -2.78
N ILE A 88 -15.66 8.20 -1.82
CA ILE A 88 -14.79 7.00 -2.00
C ILE A 88 -15.34 5.90 -1.11
N SER A 89 -15.46 4.69 -1.60
CA SER A 89 -15.78 3.52 -0.75
C SER A 89 -14.82 2.36 -1.01
N ILE A 90 -14.42 1.72 0.07
CA ILE A 90 -13.61 0.48 0.02
C ILE A 90 -14.37 -0.55 0.86
N TRP A 91 -14.77 -1.63 0.20
CA TRP A 91 -15.57 -2.73 0.74
C TRP A 91 -14.69 -3.97 0.70
N ASN A 92 -14.78 -4.79 1.73
CA ASN A 92 -14.11 -6.09 1.76
C ASN A 92 -15.06 -7.12 2.37
N ASN A 93 -14.87 -8.39 2.01
CA ASN A 93 -15.56 -9.54 2.66
C ASN A 93 -14.57 -10.27 3.55
N GLY A 94 -14.91 -11.49 3.96
CA GLY A 94 -14.27 -12.08 5.13
C GLY A 94 -14.82 -11.49 6.41
N LYS A 95 -14.29 -11.92 7.54
CA LYS A 95 -14.81 -11.53 8.87
C LYS A 95 -14.92 -10.02 9.01
N GLY A 96 -16.07 -9.60 9.56
CA GLY A 96 -16.29 -8.22 10.00
C GLY A 96 -15.65 -7.95 11.35
N ILE A 97 -15.92 -6.78 11.90
CA ILE A 97 -15.36 -6.36 13.21
C ILE A 97 -16.41 -6.68 14.28
N PRO A 98 -16.01 -7.29 15.42
CA PRO A 98 -16.97 -7.59 16.49
C PRO A 98 -17.89 -6.41 16.78
N VAL A 99 -19.20 -6.61 16.62
CA VAL A 99 -20.19 -5.56 16.99
C VAL A 99 -20.59 -5.82 18.43
N VAL A 100 -19.80 -5.28 19.35
CA VAL A 100 -19.97 -5.51 20.81
C VAL A 100 -19.19 -4.45 21.59
N GLU A 101 -19.73 -4.06 22.74
CA GLU A 101 -19.06 -3.20 23.73
C GLU A 101 -17.72 -3.81 24.14
N HIS A 102 -16.65 -3.01 24.04
CA HIS A 102 -15.30 -3.25 24.60
C HIS A 102 -15.44 -3.09 26.11
N LYS A 103 -15.02 -4.09 26.86
CA LYS A 103 -15.31 -4.16 28.33
C LYS A 103 -14.35 -3.24 29.09
N VAL A 104 -13.19 -2.86 28.52
CA VAL A 104 -12.28 -1.86 29.15
C VAL A 104 -12.71 -0.45 28.74
N GLU A 105 -12.82 -0.15 27.44
CA GLU A 105 -13.07 1.23 26.94
C GLU A 105 -14.58 1.57 26.88
N LYS A 106 -15.50 0.63 27.08
CA LYS A 106 -16.96 0.92 27.25
C LYS A 106 -17.53 1.62 26.04
N VAL A 107 -17.10 1.21 24.83
CA VAL A 107 -17.63 1.75 23.54
C VAL A 107 -17.71 0.56 22.59
N TYR A 108 -18.52 0.64 21.56
CA TYR A 108 -18.54 -0.40 20.51
C TYR A 108 -17.11 -0.50 19.95
N VAL A 109 -16.63 -1.71 19.72
CA VAL A 109 -15.26 -1.96 19.18
C VAL A 109 -15.03 -1.12 17.91
N PRO A 110 -15.97 -1.04 16.93
CA PRO A 110 -15.75 -0.22 15.73
C PRO A 110 -15.60 1.27 15.99
N ALA A 111 -16.32 1.78 16.98
CA ALA A 111 -16.27 3.21 17.40
C ALA A 111 -14.91 3.48 18.03
N LEU A 112 -14.40 2.53 18.80
CA LEU A 112 -13.08 2.67 19.49
C LEU A 112 -11.97 2.77 18.42
N ILE A 113 -11.98 1.88 17.43
CA ILE A 113 -10.79 1.65 16.56
C ILE A 113 -10.85 2.55 15.31
N PHE A 114 -11.99 3.20 15.04
CA PHE A 114 -12.15 4.18 13.94
C PHE A 114 -12.32 5.60 14.47
N GLY A 115 -12.61 5.79 15.76
CA GLY A 115 -12.95 7.11 16.33
C GLY A 115 -12.03 7.56 17.44
N GLN A 116 -11.05 6.75 17.87
CA GLN A 116 -10.07 7.14 18.92
C GLN A 116 -8.67 6.82 18.43
N LEU A 117 -7.74 7.74 18.67
CA LEU A 117 -6.31 7.59 18.27
C LEU A 117 -5.65 6.47 19.06
N LEU A 118 -4.66 5.84 18.45
CA LEU A 118 -3.79 4.82 19.07
C LEU A 118 -4.62 3.62 19.51
N THR A 119 -5.39 3.08 18.57
CA THR A 119 -6.21 1.87 18.74
C THR A 119 -5.94 0.91 17.58
N SER A 120 -5.70 -0.37 17.89
CA SER A 120 -5.21 -1.41 16.95
C SER A 120 -5.39 -2.82 17.51
N SER A 121 -5.50 -3.77 16.60
CA SER A 121 -5.34 -5.22 16.84
C SER A 121 -3.89 -5.63 16.53
N ASN A 122 -3.02 -4.68 16.20
CA ASN A 122 -1.62 -4.94 15.80
C ASN A 122 -0.59 -4.47 16.83
N TYR A 123 -0.97 -4.33 18.10
CA TYR A 123 -0.06 -3.82 19.17
C TYR A 123 0.67 -4.96 19.90
N ASP A 124 0.32 -6.22 19.66
CA ASP A 124 1.01 -7.40 20.29
C ASP A 124 1.97 -8.07 19.30
N ASP A 125 3.25 -7.73 19.41
CA ASP A 125 4.25 -8.18 18.40
C ASP A 125 4.71 -9.62 18.70
N ASP A 126 4.32 -10.22 19.81
CA ASP A 126 4.46 -11.69 19.98
C ASP A 126 3.70 -12.45 18.89
N GLU A 127 2.74 -11.87 18.16
CA GLU A 127 1.93 -12.65 17.19
C GLU A 127 2.61 -12.77 15.82
N LYS A 128 3.66 -12.02 15.55
CA LYS A 128 4.45 -12.13 14.28
C LYS A 128 3.53 -12.11 13.06
N LYS A 129 2.81 -11.00 12.89
CA LYS A 129 1.82 -10.84 11.80
C LYS A 129 2.53 -10.36 10.52
N VAL A 130 1.90 -10.58 9.38
CA VAL A 130 2.34 -9.94 8.11
C VAL A 130 1.28 -8.94 7.62
N THR A 131 0.55 -8.30 8.54
CA THR A 131 -0.34 -7.15 8.25
C THR A 131 0.53 -5.92 7.96
N GLY A 132 -0.01 -4.97 7.22
CA GLY A 132 0.68 -3.68 7.02
C GLY A 132 0.47 -2.79 8.21
N GLY A 133 -0.68 -2.96 8.88
CA GLY A 133 -1.03 -2.13 10.04
C GLY A 133 -0.06 -2.37 11.17
N ARG A 134 0.44 -1.30 11.78
CA ARG A 134 1.38 -1.39 12.92
C ARG A 134 1.02 -0.39 14.01
N ASN A 135 0.50 0.79 13.70
CA ASN A 135 0.63 1.93 14.63
C ASN A 135 -0.69 2.33 15.31
N GLY A 136 -1.83 1.92 14.77
CA GLY A 136 -3.13 2.36 15.34
C GLY A 136 -3.51 3.80 14.99
N TYR A 137 -3.04 4.33 13.86
CA TYR A 137 -3.43 5.67 13.37
C TYR A 137 -4.31 5.66 12.10
N GLY A 138 -4.01 4.80 11.13
CA GLY A 138 -4.39 4.99 9.71
C GLY A 138 -5.83 5.39 9.52
N ALA A 139 -6.76 4.63 10.08
CA ALA A 139 -8.19 4.85 9.86
C ALA A 139 -8.60 6.19 10.48
N LYS A 140 -8.09 6.52 11.65
CA LYS A 140 -8.44 7.79 12.32
C LYS A 140 -7.90 8.94 11.48
N LEU A 141 -6.72 8.80 10.88
CA LEU A 141 -6.15 9.87 10.02
C LEU A 141 -7.08 10.12 8.85
N CYS A 142 -7.61 9.09 8.16
CA CYS A 142 -8.59 9.26 7.06
C CYS A 142 -9.85 9.98 7.58
N ASN A 143 -10.31 9.57 8.76
CA ASN A 143 -11.46 10.19 9.44
C ASN A 143 -11.22 11.70 9.61
N ILE A 144 -10.11 12.05 10.24
CA ILE A 144 -9.72 13.45 10.57
C ILE A 144 -9.68 14.29 9.28
N PHE A 145 -9.27 13.69 8.15
CA PHE A 145 -9.04 14.41 6.87
C PHE A 145 -10.25 14.24 5.94
N SER A 146 -11.42 13.90 6.50
CA SER A 146 -12.72 13.69 5.80
C SER A 146 -13.80 14.64 6.38
N THR A 147 -14.64 15.19 5.52
CA THR A 147 -15.84 15.97 5.93
C THR A 147 -16.90 14.96 6.38
N LYS A 148 -16.87 13.76 5.81
CA LYS A 148 -17.79 12.68 6.22
C LYS A 148 -17.06 11.33 6.18
N PHE A 149 -17.17 10.54 7.23
CA PHE A 149 -16.50 9.21 7.30
C PHE A 149 -17.46 8.18 7.87
N THR A 150 -17.84 7.17 7.09
CA THR A 150 -18.83 6.14 7.49
C THR A 150 -18.18 4.76 7.60
N VAL A 151 -18.45 4.08 8.72
CA VAL A 151 -17.99 2.68 9.01
C VAL A 151 -19.22 1.79 9.02
N GLU A 152 -19.22 0.81 8.14
CA GLU A 152 -20.30 -0.20 8.08
C GLU A 152 -19.62 -1.56 8.19
N THR A 153 -19.95 -2.35 9.20
CA THR A 153 -19.37 -3.70 9.38
C THR A 153 -20.47 -4.65 9.85
N ALA A 154 -20.44 -5.89 9.39
CA ALA A 154 -21.43 -6.95 9.73
C ALA A 154 -20.62 -8.17 10.18
N CYS A 155 -20.94 -8.68 11.36
CA CYS A 155 -20.21 -9.74 12.06
C CYS A 155 -21.21 -10.82 12.45
N LYS A 156 -21.27 -11.89 11.66
CA LYS A 156 -22.20 -13.02 11.89
C LYS A 156 -22.02 -13.56 13.33
N GLU A 157 -20.78 -13.70 13.81
CA GLU A 157 -20.47 -14.25 15.15
C GLU A 157 -21.31 -13.52 16.20
N TYR A 158 -21.26 -12.18 16.21
CA TYR A 158 -21.95 -11.30 17.20
C TYR A 158 -23.39 -11.00 16.73
N LYS A 159 -23.81 -11.63 15.63
CA LYS A 159 -25.13 -11.54 14.90
C LYS A 159 -25.68 -10.11 14.89
N HIS A 160 -24.82 -9.10 14.66
CA HIS A 160 -25.25 -7.70 14.41
C HIS A 160 -24.45 -7.06 13.26
N SER A 161 -25.06 -6.03 12.68
CA SER A 161 -24.41 -5.04 11.81
C SER A 161 -24.26 -3.77 12.62
N PHE A 162 -23.33 -2.91 12.18
CA PHE A 162 -22.99 -1.62 12.81
C PHE A 162 -22.75 -0.60 11.69
N LYS A 163 -23.33 0.57 11.84
CA LYS A 163 -23.06 1.68 10.90
C LYS A 163 -22.96 2.91 11.75
N GLN A 164 -21.82 3.58 11.71
CA GLN A 164 -21.64 4.89 12.40
C GLN A 164 -21.02 5.88 11.42
N THR A 165 -21.45 7.14 11.50
CA THR A 165 -20.96 8.23 10.62
C THR A 165 -20.29 9.28 11.49
N TRP A 166 -19.12 9.72 11.04
CA TRP A 166 -18.38 10.85 11.62
C TRP A 166 -18.46 11.97 10.60
N MET A 167 -18.33 13.21 11.06
CA MET A 167 -18.27 14.39 10.15
C MET A 167 -17.30 15.41 10.70
N ASN A 168 -16.95 16.38 9.86
CA ASN A 168 -16.14 17.59 10.21
C ASN A 168 -14.85 17.15 10.89
N ASN A 169 -14.05 16.35 10.20
CA ASN A 169 -12.69 16.06 10.69
C ASN A 169 -12.75 15.29 12.00
N MET A 170 -13.65 14.31 12.07
CA MET A 170 -13.81 13.39 13.22
C MET A 170 -14.33 14.17 14.46
N MET A 171 -14.84 15.39 14.29
CA MET A 171 -15.25 16.25 15.43
CA MET A 171 -15.25 16.22 15.44
C MET A 171 -16.73 15.99 15.78
N LYS A 172 -17.52 15.46 14.86
CA LYS A 172 -18.95 15.15 15.11
C LYS A 172 -19.25 13.69 14.81
N THR A 173 -20.05 13.06 15.66
CA THR A 173 -20.70 11.77 15.32
C THR A 173 -22.13 11.70 15.89
N SER A 174 -22.71 10.52 15.89
CA SER A 174 -24.00 10.25 16.55
C SER A 174 -24.10 8.74 16.75
N GLU A 175 -25.20 8.28 17.35
CA GLU A 175 -25.32 6.87 17.80
C GLU A 175 -25.11 5.94 16.61
N ALA A 176 -24.43 4.84 16.84
CA ALA A 176 -24.32 3.77 15.84
C ALA A 176 -25.72 3.19 15.59
N LYS A 177 -26.07 2.88 14.35
CA LYS A 177 -27.20 1.98 13.99
C LYS A 177 -26.74 0.54 14.17
N ILE A 178 -27.32 -0.17 15.14
CA ILE A 178 -27.07 -1.62 15.43
C ILE A 178 -28.30 -2.41 15.00
N LYS A 179 -28.12 -3.45 14.21
CA LYS A 179 -29.22 -4.27 13.65
C LYS A 179 -28.84 -5.74 13.77
N HIS A 180 -29.84 -6.61 13.74
CA HIS A 180 -29.67 -8.06 13.62
C HIS A 180 -29.03 -8.37 12.26
N PHE A 181 -28.07 -9.29 12.24
CA PHE A 181 -27.39 -9.68 10.99
C PHE A 181 -27.08 -11.18 11.06
N ASP A 182 -27.42 -11.87 9.98
CA ASP A 182 -27.38 -13.34 9.90
C ASP A 182 -26.31 -13.76 8.90
N GLY A 183 -25.97 -12.87 7.96
CA GLY A 183 -25.48 -13.22 6.61
C GLY A 183 -23.96 -13.19 6.46
N GLU A 184 -23.52 -12.77 5.27
CA GLU A 184 -22.13 -12.83 4.78
C GLU A 184 -21.34 -11.63 5.36
N ASP A 185 -20.30 -11.83 6.17
CA ASP A 185 -19.53 -10.73 6.81
C ASP A 185 -18.97 -9.75 5.75
N TYR A 186 -18.82 -8.48 6.14
CA TYR A 186 -18.15 -7.46 5.30
C TYR A 186 -17.87 -6.25 6.17
N THR A 187 -16.96 -5.44 5.67
CA THR A 187 -16.71 -4.07 6.15
C THR A 187 -16.71 -3.14 4.92
N CYS A 188 -17.32 -1.98 5.07
CA CYS A 188 -17.34 -0.94 4.02
C CYS A 188 -17.01 0.40 4.66
N ILE A 189 -15.93 1.01 4.22
CA ILE A 189 -15.57 2.37 4.67
C ILE A 189 -15.91 3.31 3.52
N THR A 190 -16.72 4.32 3.82
CA THR A 190 -17.16 5.35 2.86
C THR A 190 -16.76 6.72 3.37
N PHE A 191 -15.99 7.48 2.59
CA PHE A 191 -15.54 8.79 3.08
C PHE A 191 -15.59 9.81 1.94
N GLN A 192 -15.78 11.06 2.35
CA GLN A 192 -15.67 12.28 1.50
C GLN A 192 -14.45 13.01 2.00
N PRO A 193 -13.32 12.95 1.26
CA PRO A 193 -12.10 13.59 1.70
C PRO A 193 -12.31 15.10 1.80
N ASP A 194 -11.77 15.70 2.86
CA ASP A 194 -11.82 17.15 3.12
C ASP A 194 -10.87 17.84 2.14
N LEU A 195 -11.36 18.15 0.94
CA LEU A 195 -10.46 18.69 -0.11
C LEU A 195 -9.89 20.04 0.29
N SER A 196 -10.53 20.80 1.21
CA SER A 196 -10.00 22.13 1.63
C SER A 196 -8.68 21.95 2.38
N LYS A 197 -8.49 20.79 3.00
CA LYS A 197 -7.28 20.47 3.79
C LYS A 197 -6.09 20.34 2.84
N PHE A 198 -6.35 20.04 1.58
CA PHE A 198 -5.37 19.75 0.52
C PHE A 198 -5.41 20.85 -0.57
N LYS A 199 -6.13 21.95 -0.33
CA LYS A 199 -6.27 23.09 -1.30
C LYS A 199 -6.65 22.52 -2.66
N MET A 200 -7.71 21.71 -2.69
CA MET A 200 -8.22 21.14 -3.95
C MET A 200 -9.72 21.39 -4.03
N GLU A 201 -10.23 21.47 -5.25
CA GLU A 201 -11.67 21.70 -5.54
C GLU A 201 -12.37 20.37 -5.77
N LYS A 202 -11.63 19.39 -6.27
CA LYS A 202 -12.22 18.13 -6.79
C LYS A 202 -11.17 17.03 -6.85
N LEU A 203 -11.59 15.77 -6.75
CA LEU A 203 -10.70 14.65 -7.12
C LEU A 203 -10.49 14.71 -8.64
N ASP A 204 -9.37 15.26 -9.07
CA ASP A 204 -9.04 15.45 -10.51
C ASP A 204 -8.51 14.14 -11.08
N LYS A 205 -8.10 14.17 -12.35
CA LYS A 205 -7.69 12.96 -13.10
C LYS A 205 -6.41 12.35 -12.52
N ASP A 206 -5.47 13.19 -12.09
CA ASP A 206 -4.14 12.77 -11.63
C ASP A 206 -4.31 11.98 -10.32
N ILE A 207 -5.05 12.50 -9.35
CA ILE A 207 -5.24 11.76 -8.05
C ILE A 207 -6.03 10.49 -8.30
N VAL A 208 -7.07 10.54 -9.14
CA VAL A 208 -7.88 9.34 -9.47
C VAL A 208 -6.99 8.31 -10.14
N ALA A 209 -6.07 8.71 -11.03
CA ALA A 209 -5.17 7.78 -11.73
C ALA A 209 -4.23 7.08 -10.73
N LEU A 210 -3.76 7.79 -9.70
CA LEU A 210 -2.85 7.21 -8.64
C LEU A 210 -3.65 6.24 -7.77
N MET A 211 -4.84 6.64 -7.34
CA MET A 211 -5.70 5.75 -6.51
C MET A 211 -6.05 4.49 -7.32
N THR A 212 -6.35 4.62 -8.61
CA THR A 212 -6.68 3.49 -9.50
C THR A 212 -5.47 2.56 -9.55
N ARG A 213 -4.26 3.10 -9.79
CA ARG A 213 -3.05 2.26 -9.88
C ARG A 213 -2.90 1.49 -8.55
N ARG A 214 -3.12 2.15 -7.43
CA ARG A 214 -2.97 1.49 -6.10
C ARG A 214 -3.90 0.27 -6.04
N ALA A 215 -5.07 0.33 -6.67
CA ALA A 215 -6.04 -0.77 -6.74
C ALA A 215 -5.47 -1.92 -7.58
N TYR A 216 -4.78 -1.60 -8.69
CA TYR A 216 -3.97 -2.59 -9.43
C TYR A 216 -2.84 -3.15 -8.55
N ASP A 217 -2.08 -2.30 -7.85
CA ASP A 217 -1.01 -2.81 -6.94
C ASP A 217 -1.61 -3.91 -6.02
N LEU A 218 -2.79 -3.63 -5.46
CA LEU A 218 -3.44 -4.54 -4.48
C LEU A 218 -3.76 -5.88 -5.13
N ALA A 219 -4.31 -5.86 -6.33
CA ALA A 219 -4.61 -7.08 -7.12
C ALA A 219 -3.30 -7.85 -7.35
N GLY A 220 -2.18 -7.15 -7.53
CA GLY A 220 -0.88 -7.80 -7.76
C GLY A 220 -0.26 -8.36 -6.47
N SER A 221 -0.46 -7.66 -5.34
CA SER A 221 0.27 -7.83 -4.05
C SER A 221 -0.45 -8.78 -3.09
N CYS A 222 -1.78 -8.73 -3.04
CA CYS A 222 -2.54 -9.41 -1.99
C CYS A 222 -3.02 -10.79 -2.49
N ARG A 223 -2.29 -11.84 -2.17
CA ARG A 223 -2.47 -13.19 -2.78
C ARG A 223 -3.90 -13.68 -2.49
N GLY A 224 -4.64 -14.13 -3.50
CA GLY A 224 -5.94 -14.81 -3.35
C GLY A 224 -7.08 -13.85 -3.10
N VAL A 225 -6.89 -12.55 -3.39
CA VAL A 225 -7.96 -11.53 -3.25
C VAL A 225 -8.19 -10.92 -4.63
N LYS A 226 -9.43 -10.93 -5.10
CA LYS A 226 -9.87 -10.26 -6.35
C LYS A 226 -10.17 -8.80 -6.03
N VAL A 227 -9.87 -7.89 -6.96
CA VAL A 227 -10.14 -6.43 -6.77
C VAL A 227 -11.08 -5.96 -7.86
N MET A 228 -12.09 -5.19 -7.48
CA MET A 228 -12.93 -4.45 -8.44
C MET A 228 -12.69 -2.96 -8.20
N PHE A 229 -12.70 -2.23 -9.31
CA PHE A 229 -12.62 -0.76 -9.37
C PHE A 229 -13.84 -0.27 -10.14
N ASN A 230 -14.67 0.52 -9.48
CA ASN A 230 -15.93 1.10 -10.02
C ASN A 230 -16.75 -0.01 -10.67
N GLY A 231 -16.87 -1.16 -10.00
CA GLY A 231 -17.83 -2.22 -10.33
C GLY A 231 -17.24 -3.21 -11.32
N LYS A 232 -15.98 -3.07 -11.70
CA LYS A 232 -15.31 -3.90 -12.73
C LYS A 232 -14.07 -4.61 -12.17
N LYS A 233 -14.00 -5.93 -12.36
CA LYS A 233 -12.89 -6.78 -11.88
C LYS A 233 -11.59 -6.38 -12.58
N LEU A 234 -10.50 -6.23 -11.82
CA LEU A 234 -9.20 -5.86 -12.44
C LEU A 234 -8.61 -7.14 -13.01
N PRO A 235 -8.16 -7.14 -14.28
CA PRO A 235 -7.62 -8.36 -14.91
C PRO A 235 -6.15 -8.65 -14.52
N VAL A 236 -5.92 -8.83 -13.24
CA VAL A 236 -4.58 -9.11 -12.64
C VAL A 236 -4.82 -10.28 -11.72
N ASN A 237 -4.05 -11.34 -11.81
CA ASN A 237 -4.37 -12.55 -11.00
C ASN A 237 -3.16 -13.02 -10.19
N GLY A 238 -2.28 -12.12 -9.78
CA GLY A 238 -1.01 -12.51 -9.15
C GLY A 238 0.07 -11.53 -9.51
N PHE A 239 1.22 -11.62 -8.87
CA PHE A 239 2.22 -10.56 -9.01
C PHE A 239 2.78 -10.55 -10.43
N ARG A 240 2.92 -11.74 -11.05
CA ARG A 240 3.62 -11.81 -12.35
C ARG A 240 2.78 -11.03 -13.36
N SER A 241 1.45 -11.20 -13.33
CA SER A 241 0.52 -10.50 -14.24
C SER A 241 0.62 -9.01 -13.95
N TYR A 242 0.76 -8.62 -12.69
CA TYR A 242 0.92 -7.20 -12.32
C TYR A 242 2.19 -6.62 -12.97
N VAL A 243 3.32 -7.32 -12.86
CA VAL A 243 4.62 -6.86 -13.39
C VAL A 243 4.49 -6.66 -14.91
N ASP A 244 3.84 -7.59 -15.60
CA ASP A 244 3.56 -7.49 -17.05
C ASP A 244 3.01 -6.12 -17.43
N LEU A 245 2.23 -5.49 -16.57
CA LEU A 245 1.60 -4.18 -16.92
C LEU A 245 2.69 -3.17 -17.17
N TYR A 246 3.85 -3.33 -16.53
CA TYR A 246 5.00 -2.42 -16.72
C TYR A 246 5.87 -2.85 -17.91
N VAL A 247 6.11 -4.15 -18.14
CA VAL A 247 7.30 -4.56 -18.95
C VAL A 247 6.94 -5.41 -20.17
N LYS A 248 5.72 -5.92 -20.29
CA LYS A 248 5.39 -6.94 -21.32
C LYS A 248 5.45 -6.36 -22.74
N ASP A 249 5.07 -5.11 -22.93
CA ASP A 249 4.87 -4.51 -24.28
C ASP A 249 6.05 -3.57 -24.57
N LYS A 250 7.23 -3.77 -23.93
CA LYS A 250 8.33 -2.78 -23.85
C LYS A 250 9.63 -3.28 -24.47
N LEU A 251 10.40 -2.34 -25.01
CA LEU A 251 11.66 -2.61 -25.75
C LEU A 251 12.77 -1.88 -25.00
N ASP A 252 13.98 -2.38 -25.01
CA ASP A 252 15.15 -1.56 -24.61
C ASP A 252 15.35 -0.60 -25.79
N GLU A 253 16.33 0.30 -25.73
CA GLU A 253 16.46 1.41 -26.71
C GLU A 253 17.34 0.92 -27.86
N THR A 254 17.70 -0.36 -27.80
CA THR A 254 18.33 -1.19 -28.86
C THR A 254 17.26 -1.83 -29.75
N GLY A 255 15.99 -1.80 -29.31
CA GLY A 255 14.84 -2.32 -30.05
C GLY A 255 14.58 -3.79 -29.76
N VAL A 256 15.19 -4.32 -28.70
CA VAL A 256 14.96 -5.73 -28.22
C VAL A 256 14.01 -5.71 -27.01
N ALA A 257 13.01 -6.61 -27.01
CA ALA A 257 12.01 -6.78 -25.94
C ALA A 257 12.76 -6.94 -24.61
N LEU A 258 12.33 -6.27 -23.54
CA LEU A 258 12.89 -6.48 -22.17
C LEU A 258 12.77 -7.97 -21.81
N LYS A 259 13.84 -8.52 -21.27
CA LYS A 259 13.84 -9.94 -20.84
C LYS A 259 13.52 -9.88 -19.34
N VAL A 260 12.41 -10.48 -18.94
CA VAL A 260 11.88 -10.40 -17.55
C VAL A 260 12.16 -11.75 -16.88
N ILE A 261 12.91 -11.73 -15.78
CA ILE A 261 13.30 -12.94 -14.98
C ILE A 261 12.40 -12.99 -13.74
N HIS A 262 11.93 -14.17 -13.37
CA HIS A 262 10.94 -14.36 -12.28
C HIS A 262 11.39 -15.49 -11.38
N GLU A 263 11.30 -15.27 -10.08
CA GLU A 263 11.36 -16.41 -9.12
C GLU A 263 10.42 -16.17 -7.95
N LEU A 264 9.55 -17.14 -7.69
CA LEU A 264 8.81 -17.26 -6.42
C LEU A 264 9.70 -18.05 -5.46
N ALA A 265 10.57 -17.37 -4.70
CA ALA A 265 11.55 -18.10 -3.87
C ALA A 265 10.78 -18.97 -2.86
N ASN A 266 9.65 -18.45 -2.38
CA ASN A 266 8.72 -19.10 -1.40
C ASN A 266 7.47 -18.22 -1.28
N GLU A 267 6.52 -18.61 -0.41
CA GLU A 267 5.18 -17.98 -0.34
C GLU A 267 5.33 -16.49 -0.06
N ARG A 268 6.43 -16.11 0.59
CA ARG A 268 6.59 -14.74 1.14
C ARG A 268 7.48 -13.86 0.25
N TRP A 269 8.05 -14.39 -0.82
CA TRP A 269 9.02 -13.65 -1.67
C TRP A 269 8.80 -13.96 -3.15
N ASP A 270 8.37 -12.94 -3.89
CA ASP A 270 8.09 -13.05 -5.32
C ASP A 270 8.90 -11.95 -5.99
N VAL A 271 9.84 -12.30 -6.89
CA VAL A 271 10.83 -11.34 -7.45
C VAL A 271 10.82 -11.41 -8.99
N CYS A 272 10.72 -10.25 -9.64
CA CYS A 272 10.97 -10.11 -11.09
C CYS A 272 12.11 -9.12 -11.26
N LEU A 273 12.90 -9.37 -12.29
CA LEU A 273 14.05 -8.50 -12.62
C LEU A 273 14.05 -8.26 -14.13
N THR A 274 14.38 -7.05 -14.56
CA THR A 274 14.73 -6.81 -15.98
C THR A 274 15.75 -5.68 -16.03
N LEU A 275 16.07 -5.22 -17.23
CA LEU A 275 17.02 -4.11 -17.54
C LEU A 275 16.34 -2.76 -17.32
N SER A 276 17.05 -1.85 -16.64
CA SER A 276 16.73 -0.40 -16.63
C SER A 276 17.72 0.37 -17.52
N GLU A 277 17.21 1.37 -18.21
CA GLU A 277 18.03 2.33 -18.99
C GLU A 277 17.80 3.73 -18.44
N LYS A 278 17.21 3.80 -17.24
CA LYS A 278 16.81 5.07 -16.59
C LYS A 278 17.43 5.14 -15.21
N GLY A 279 18.52 4.41 -14.95
CA GLY A 279 19.09 4.26 -13.61
C GLY A 279 18.28 3.26 -12.74
N PHE A 280 18.78 2.94 -11.56
CA PHE A 280 18.14 1.96 -10.63
C PHE A 280 16.65 2.28 -10.53
N GLN A 281 15.80 1.27 -10.73
CA GLN A 281 14.34 1.37 -10.48
C GLN A 281 13.89 0.17 -9.63
N GLN A 282 13.01 0.44 -8.68
CA GLN A 282 12.41 -0.63 -7.82
C GLN A 282 10.92 -0.37 -7.68
N ILE A 283 10.11 -1.43 -7.80
CA ILE A 283 8.65 -1.43 -7.49
C ILE A 283 8.46 -2.52 -6.46
N SER A 284 8.14 -2.15 -5.22
CA SER A 284 8.17 -3.12 -4.12
C SER A 284 6.95 -2.95 -3.23
N PHE A 285 6.55 -4.08 -2.66
CA PHE A 285 5.45 -4.18 -1.67
C PHE A 285 5.91 -4.99 -0.47
N VAL A 286 5.59 -4.46 0.71
CA VAL A 286 5.71 -5.15 2.02
C VAL A 286 4.32 -5.24 2.62
N ASN A 287 3.79 -6.46 2.70
CA ASN A 287 2.44 -6.70 3.28
C ASN A 287 1.42 -5.78 2.57
N SER A 288 1.52 -5.66 1.25
CA SER A 288 0.60 -4.89 0.36
C SER A 288 0.77 -3.35 0.54
N ILE A 289 1.74 -2.91 1.32
CA ILE A 289 2.16 -1.48 1.37
C ILE A 289 3.06 -1.20 0.18
N ALA A 290 2.87 -0.08 -0.50
CA ALA A 290 3.77 0.34 -1.59
C ALA A 290 4.97 1.02 -0.94
N THR A 291 6.11 0.33 -0.86
CA THR A 291 7.37 0.90 -0.31
C THR A 291 8.09 1.65 -1.45
N THR A 292 7.57 2.82 -1.74
CA THR A 292 8.01 3.71 -2.85
C THR A 292 9.39 4.33 -2.56
N LYS A 293 9.91 4.30 -1.33
CA LYS A 293 11.32 4.69 -1.07
C LYS A 293 12.19 3.45 -0.85
N GLY A 294 11.61 2.26 -1.01
CA GLY A 294 12.34 0.99 -0.88
C GLY A 294 12.55 0.60 0.58
N GLY A 295 13.77 0.15 0.90
CA GLY A 295 14.21 -0.18 2.26
C GLY A 295 14.99 -1.49 2.26
N ARG A 296 15.07 -2.18 3.39
CA ARG A 296 16.05 -3.31 3.59
C ARG A 296 15.71 -4.54 2.76
N HIS A 297 14.43 -4.75 2.48
CA HIS A 297 13.92 -5.83 1.60
C HIS A 297 14.43 -5.65 0.16
N VAL A 298 14.40 -4.44 -0.38
CA VAL A 298 14.93 -4.14 -1.75
C VAL A 298 16.44 -4.38 -1.76
N ASP A 299 17.15 -3.79 -0.81
CA ASP A 299 18.63 -3.96 -0.73
C ASP A 299 18.95 -5.46 -0.58
N TYR A 300 18.22 -6.19 0.24
CA TYR A 300 18.49 -7.63 0.50
C TYR A 300 18.44 -8.42 -0.80
N VAL A 301 17.47 -8.13 -1.66
CA VAL A 301 17.29 -8.84 -2.95
C VAL A 301 18.33 -8.32 -3.95
N VAL A 302 18.47 -7.02 -4.06
CA VAL A 302 19.29 -6.36 -5.11
C VAL A 302 20.77 -6.66 -4.84
N ASP A 303 21.22 -6.68 -3.59
CA ASP A 303 22.63 -6.99 -3.24
C ASP A 303 23.00 -8.39 -3.74
N GLN A 304 22.12 -9.39 -3.57
CA GLN A 304 22.37 -10.77 -4.07
C GLN A 304 22.61 -10.78 -5.58
N VAL A 305 21.80 -10.03 -6.32
CA VAL A 305 21.88 -9.97 -7.81
C VAL A 305 23.16 -9.23 -8.20
N VAL A 306 23.42 -8.07 -7.58
CA VAL A 306 24.60 -7.22 -7.86
C VAL A 306 25.86 -8.08 -7.65
N GLY A 307 25.87 -8.87 -6.56
CA GLY A 307 26.96 -9.82 -6.20
C GLY A 307 27.27 -10.72 -7.36
N LYS A 308 26.28 -11.51 -7.79
CA LYS A 308 26.43 -12.57 -8.82
C LYS A 308 26.72 -11.95 -10.19
N LEU A 309 26.20 -10.76 -10.47
CA LEU A 309 26.45 -10.11 -11.78
C LEU A 309 27.86 -9.52 -11.85
N ILE A 310 28.40 -9.01 -10.75
CA ILE A 310 29.81 -8.55 -10.68
C ILE A 310 30.75 -9.71 -11.08
N GLU A 311 30.61 -10.88 -10.45
CA GLU A 311 31.31 -12.16 -10.82
C GLU A 311 31.27 -12.38 -12.34
N VAL A 312 30.08 -12.51 -12.90
CA VAL A 312 29.90 -12.84 -14.35
C VAL A 312 30.69 -11.86 -15.24
N VAL A 313 30.55 -10.55 -15.00
CA VAL A 313 31.28 -9.46 -15.71
C VAL A 313 32.79 -9.65 -15.53
N LYS A 314 33.26 -9.87 -14.29
CA LYS A 314 34.71 -10.05 -13.97
C LYS A 314 35.32 -11.08 -14.91
N LYS A 315 34.54 -12.07 -15.32
CA LYS A 315 35.02 -13.34 -15.89
C LYS A 315 34.81 -13.28 -17.41
N LYS A 316 34.37 -12.11 -17.92
CA LYS A 316 34.34 -11.74 -19.36
C LYS A 316 34.83 -10.29 -19.47
N ASN A 317 36.03 -10.00 -18.96
CA ASN A 317 36.55 -8.63 -18.75
C ASN A 317 35.76 -7.99 -17.60
N VAL A 323 33.78 -3.87 -12.38
CA VAL A 323 32.87 -2.71 -12.28
C VAL A 323 32.28 -2.65 -10.88
N LYS A 324 31.77 -1.50 -10.46
CA LYS A 324 31.38 -1.23 -9.04
C LYS A 324 29.88 -1.41 -8.85
N PRO A 325 29.45 -1.89 -7.66
CA PRO A 325 28.04 -2.10 -7.34
C PRO A 325 27.10 -1.02 -7.90
N PHE A 326 27.39 0.26 -7.66
CA PHE A 326 26.49 1.37 -8.04
C PHE A 326 26.29 1.34 -9.56
N GLN A 327 27.27 0.85 -10.34
CA GLN A 327 27.19 0.83 -11.84
C GLN A 327 26.27 -0.31 -12.29
N VAL A 328 26.37 -1.48 -11.65
CA VAL A 328 25.46 -2.64 -11.91
C VAL A 328 24.01 -2.24 -11.53
N LYS A 329 23.79 -1.77 -10.29
CA LYS A 329 22.45 -1.34 -9.78
C LYS A 329 21.79 -0.35 -10.74
N ASN A 330 22.60 0.52 -11.35
CA ASN A 330 22.21 1.53 -12.36
C ASN A 330 21.38 0.88 -13.48
N HIS A 331 21.59 -0.41 -13.76
CA HIS A 331 20.97 -1.16 -14.88
C HIS A 331 19.85 -2.10 -14.41
N ILE A 332 19.48 -2.05 -13.12
CA ILE A 332 18.47 -3.00 -12.56
C ILE A 332 17.12 -2.33 -12.44
N TRP A 333 16.10 -3.00 -12.97
CA TRP A 333 14.68 -2.77 -12.63
C TRP A 333 14.21 -3.98 -11.85
N VAL A 334 13.93 -3.82 -10.56
CA VAL A 334 13.53 -4.98 -9.73
C VAL A 334 12.07 -4.80 -9.26
N PHE A 335 11.36 -5.91 -9.17
CA PHE A 335 9.95 -5.96 -8.68
C PHE A 335 9.92 -6.98 -7.56
N ILE A 336 9.36 -6.59 -6.41
CA ILE A 336 9.36 -7.43 -5.18
C ILE A 336 8.00 -7.35 -4.50
N ASN A 337 7.41 -8.52 -4.29
CA ASN A 337 6.21 -8.69 -3.43
C ASN A 337 6.60 -9.57 -2.25
N CYS A 338 6.61 -9.02 -1.04
CA CYS A 338 7.08 -9.78 0.14
C CYS A 338 6.14 -9.64 1.35
N LEU A 339 6.21 -10.63 2.23
CA LEU A 339 5.50 -10.67 3.52
C LEU A 339 6.57 -10.72 4.62
N ILE A 340 6.60 -9.64 5.42
CA ILE A 340 7.61 -9.40 6.48
C ILE A 340 6.88 -9.43 7.82
N GLU A 341 7.43 -10.14 8.78
CA GLU A 341 6.86 -10.15 10.15
C GLU A 341 7.19 -8.82 10.83
N ASN A 342 6.17 -8.18 11.43
CA ASN A 342 6.33 -6.96 12.26
C ASN A 342 7.30 -5.96 11.60
N PRO A 343 7.02 -5.51 10.36
CA PRO A 343 7.91 -4.56 9.70
C PRO A 343 7.95 -3.23 10.44
N THR A 344 9.07 -2.53 10.29
CA THR A 344 9.30 -1.18 10.86
C THR A 344 9.53 -0.24 9.69
N PHE A 345 9.20 1.02 9.91
CA PHE A 345 9.31 2.14 8.95
C PHE A 345 9.72 3.39 9.73
N ASP A 346 10.37 4.35 9.06
CA ASP A 346 10.76 5.66 9.67
C ASP A 346 9.56 6.62 9.75
N SER A 347 8.42 6.33 9.11
CA SER A 347 7.25 7.23 9.19
C SER A 347 5.93 6.47 9.14
N GLN A 348 4.86 7.14 9.55
CA GLN A 348 3.47 6.62 9.39
C GLN A 348 3.19 6.31 7.92
N THR A 349 3.82 7.01 6.98
CA THR A 349 3.52 6.85 5.52
C THR A 349 4.13 5.54 4.99
N LYS A 350 5.09 4.93 5.68
CA LYS A 350 5.59 3.55 5.39
C LYS A 350 6.17 3.42 3.97
N GLU A 351 6.82 4.47 3.49
CA GLU A 351 7.44 4.44 2.13
C GLU A 351 8.81 3.73 2.16
N ASN A 352 9.42 3.63 3.35
CA ASN A 352 10.78 3.06 3.54
C ASN A 352 10.77 2.06 4.69
N MET A 353 11.01 0.79 4.36
CA MET A 353 10.93 -0.32 5.35
C MET A 353 12.34 -0.57 5.90
N THR A 354 12.54 -0.36 7.22
CA THR A 354 13.87 -0.24 7.91
C THR A 354 14.22 -1.53 8.68
N LEU A 355 13.35 -2.55 8.71
CA LEU A 355 13.64 -3.78 9.48
C LEU A 355 14.83 -4.45 8.83
N GLN A 356 15.80 -4.90 9.62
CA GLN A 356 16.99 -5.67 9.13
C GLN A 356 16.55 -7.07 8.66
N PRO A 357 17.17 -7.62 7.60
CA PRO A 357 16.79 -8.93 7.06
C PRO A 357 16.80 -10.10 8.07
N LYS A 358 17.69 -10.09 9.06
CA LYS A 358 17.73 -11.22 10.03
C LYS A 358 16.40 -11.30 10.77
N SER A 359 15.61 -10.22 10.81
CA SER A 359 14.33 -10.16 11.55
C SER A 359 13.11 -10.43 10.67
N PHE A 360 13.29 -10.71 9.38
CA PHE A 360 12.15 -10.76 8.42
C PHE A 360 11.17 -11.89 8.77
N GLY A 361 11.68 -12.94 9.41
CA GLY A 361 10.93 -14.19 9.66
C GLY A 361 10.98 -15.16 8.48
N SER A 362 11.71 -14.87 7.43
CA SER A 362 11.84 -15.71 6.22
C SER A 362 13.08 -15.22 5.48
N LYS A 363 13.52 -16.00 4.51
CA LYS A 363 14.64 -15.65 3.61
C LYS A 363 14.17 -15.74 2.16
N CYS A 364 14.87 -15.00 1.32
CA CYS A 364 14.83 -15.04 -0.14
C CYS A 364 16.26 -15.33 -0.66
N GLN A 365 16.60 -16.59 -0.69
CA GLN A 365 17.87 -17.09 -1.24
C GLN A 365 17.63 -17.38 -2.73
N LEU A 366 17.96 -16.46 -3.64
CA LEU A 366 17.59 -16.62 -5.07
C LEU A 366 18.45 -17.75 -5.67
N SER A 367 17.85 -18.63 -6.47
CA SER A 367 18.47 -19.85 -7.09
C SER A 367 19.56 -19.50 -8.13
N GLU A 368 20.50 -20.43 -8.36
CA GLU A 368 21.54 -20.29 -9.41
C GLU A 368 20.82 -20.18 -10.76
N LYS A 369 19.73 -20.91 -10.94
CA LYS A 369 18.84 -20.79 -12.12
C LYS A 369 18.45 -19.32 -12.33
N PHE A 370 17.97 -18.63 -11.29
CA PHE A 370 17.56 -17.22 -11.36
C PHE A 370 18.78 -16.36 -11.72
N PHE A 371 19.93 -16.59 -11.07
CA PHE A 371 21.15 -15.76 -11.34
C PHE A 371 21.67 -15.97 -12.77
N LYS A 372 21.61 -17.22 -13.29
CA LYS A 372 21.92 -17.50 -14.72
C LYS A 372 20.97 -16.70 -15.58
N ALA A 373 19.66 -16.81 -15.37
CA ALA A 373 18.73 -16.01 -16.20
C ALA A 373 19.06 -14.50 -16.07
N ALA A 374 19.42 -13.98 -14.89
CA ALA A 374 19.74 -12.54 -14.68
C ALA A 374 20.92 -12.15 -15.59
N SER A 375 21.87 -13.08 -15.76
CA SER A 375 23.10 -12.97 -16.60
C SER A 375 22.72 -12.67 -18.04
N ASN A 376 21.56 -13.17 -18.47
CA ASN A 376 21.12 -13.16 -19.89
C ASN A 376 20.14 -12.05 -20.21
N CYS A 377 19.76 -11.22 -19.23
CA CYS A 377 18.56 -10.38 -19.38
C CYS A 377 19.00 -9.00 -19.93
N GLY A 378 20.30 -8.82 -20.24
CA GLY A 378 20.82 -7.62 -20.94
C GLY A 378 21.62 -6.69 -20.04
N ILE A 379 21.66 -6.99 -18.73
CA ILE A 379 22.31 -6.10 -17.74
C ILE A 379 23.83 -6.21 -17.93
N VAL A 380 24.33 -7.45 -18.01
CA VAL A 380 25.78 -7.77 -18.21
C VAL A 380 26.27 -7.03 -19.45
N GLU A 381 25.54 -7.14 -20.55
CA GLU A 381 25.95 -6.58 -21.87
C GLU A 381 26.13 -5.06 -21.74
N SER A 382 25.21 -4.35 -21.09
CA SER A 382 25.26 -2.87 -20.91
C SER A 382 26.51 -2.48 -20.12
N ILE A 383 26.73 -3.10 -18.98
CA ILE A 383 27.98 -2.96 -18.16
C ILE A 383 29.19 -3.12 -19.09
N LEU A 384 29.37 -4.30 -19.71
CA LEU A 384 30.50 -4.58 -20.65
C LEU A 384 30.62 -3.42 -21.65
N ASN A 385 29.61 -3.24 -22.51
CA ASN A 385 29.52 -2.19 -23.57
C ASN A 385 30.29 -0.94 -23.14
#